data_4NTF
#
_entry.id   4NTF
#
_cell.length_a   169.107
_cell.length_b   169.107
_cell.length_c   169.107
_cell.angle_alpha   90.000
_cell.angle_beta   90.000
_cell.angle_gamma   90.000
#
_symmetry.space_group_name_H-M   'F 2 3'
#
loop_
_entity.id
_entity.type
_entity.pdbx_description
1 polymer 'Leukotriene C4 synthase'
2 non-polymer S-HEXYLGLUTATHIONE
3 non-polymer 'PALMITIC ACID'
4 non-polymer 'SULFATE ION'
5 non-polymer 'NICKEL (II) ION'
6 water water
#
_entity_poly.entity_id   1
_entity_poly.type   'polypeptide(L)'
_entity_poly.pdbx_seq_one_letter_code
;MHHHHHHKDEVALLATVTLVGVLLQAYFSLQVISARRAFHVSPPLTSGPPEFERVFRAQVNCSEYFPLFLATLWVAGIFF
HEGAAALCGLFYLFARLRYFQGYARSAQLRLTPLYASARALWLLVAMAALGLLVHFLPGTLRTALFRWLQMLLPMA
;
_entity_poly.pdbx_strand_id   A
#
loop_
_chem_comp.id
_chem_comp.type
_chem_comp.name
_chem_comp.formula
GTX non-polymer S-HEXYLGLUTATHIONE 'C16 H30 N3 O6 S 1'
NI non-polymer 'NICKEL (II) ION' 'Ni 2'
PLM non-polymer 'PALMITIC ACID' 'C16 H32 O2'
SO4 non-polymer 'SULFATE ION' 'O4 S -2'
#
# COMPACT_ATOMS: atom_id res chain seq x y z
N HIS A 7 -10.89 -12.63 18.84
CA HIS A 7 -10.68 -12.55 17.39
C HIS A 7 -9.91 -11.29 17.00
N LYS A 8 -10.06 -10.24 17.81
CA LYS A 8 -9.17 -9.07 17.72
C LYS A 8 -7.68 -9.50 17.71
N ASP A 9 -7.35 -10.61 18.36
CA ASP A 9 -5.96 -11.08 18.48
C ASP A 9 -5.27 -11.43 17.15
N GLU A 10 -5.99 -12.08 16.25
CA GLU A 10 -5.44 -12.54 14.98
C GLU A 10 -5.19 -11.42 13.95
N VAL A 11 -5.67 -10.21 14.23
CA VAL A 11 -5.69 -9.15 13.23
C VAL A 11 -5.24 -7.80 13.78
N ALA A 12 -4.71 -7.79 14.98
CA ALA A 12 -4.44 -6.52 15.64
C ALA A 12 -3.23 -5.85 15.01
N LEU A 13 -2.26 -6.66 14.58
CA LEU A 13 -1.10 -6.19 13.86
C LEU A 13 -1.53 -5.58 12.53
N LEU A 14 -2.39 -6.30 11.81
CA LEU A 14 -2.91 -5.77 10.56
C LEU A 14 -3.69 -4.49 10.81
N ALA A 15 -4.42 -4.45 11.92
CA ALA A 15 -5.26 -3.31 12.22
C ALA A 15 -4.38 -2.12 12.58
N THR A 16 -3.24 -2.43 13.16
CA THR A 16 -2.37 -1.37 13.61
C THR A 16 -1.51 -0.77 12.48
N VAL A 17 -1.14 -1.60 11.51
CA VAL A 17 -0.45 -1.11 10.34
C VAL A 17 -1.42 -0.27 9.51
N THR A 18 -2.67 -0.76 9.47
CA THR A 18 -3.76 -0.03 8.84
C THR A 18 -3.91 1.39 9.40
N LEU A 19 -3.91 1.50 10.73
CA LEU A 19 -4.02 2.80 11.37
C LEU A 19 -2.82 3.69 11.07
N VAL A 20 -1.60 3.12 11.10
CA VAL A 20 -0.42 3.94 10.80
C VAL A 20 -0.46 4.44 9.34
N GLY A 21 -1.03 3.65 8.46
CA GLY A 21 -1.28 4.06 7.08
C GLY A 21 -2.23 5.23 6.98
N VAL A 22 -3.32 5.17 7.72
CA VAL A 22 -4.26 6.28 7.80
C VAL A 22 -3.56 7.56 8.32
N LEU A 23 -2.74 7.45 9.36
CA LEU A 23 -2.09 8.62 9.93
C LEU A 23 -1.15 9.25 8.92
N LEU A 24 -0.49 8.37 8.15
CA LEU A 24 0.47 8.81 7.18
C LEU A 24 -0.23 9.57 6.05
N GLN A 25 -1.36 9.06 5.58
CA GLN A 25 -2.14 9.72 4.52
C GLN A 25 -2.64 11.07 4.99
N ALA A 26 -3.02 11.09 6.27
CA ALA A 26 -3.48 12.31 6.89
C ALA A 26 -2.32 13.29 6.90
N TYR A 27 -1.13 12.77 7.17
CA TYR A 27 0.07 13.58 7.15
C TYR A 27 0.26 14.20 5.76
N PHE A 28 0.06 13.40 4.73
CA PHE A 28 0.25 13.84 3.36
C PHE A 28 -0.71 14.95 3.04
N SER A 29 -1.94 14.80 3.51
CA SER A 29 -3.00 15.79 3.32
C SER A 29 -2.70 17.15 3.93
N LEU A 30 -2.12 17.14 5.13
CA LEU A 30 -1.82 18.37 5.82
C LEU A 30 -0.63 19.05 5.15
N GLN A 31 0.26 18.23 4.60
CA GLN A 31 1.37 18.77 3.84
C GLN A 31 0.86 19.51 2.60
N VAL A 32 -0.16 18.96 1.96
CA VAL A 32 -0.76 19.63 0.82
C VAL A 32 -1.41 20.97 1.18
N ILE A 33 -2.14 21.04 2.30
CA ILE A 33 -2.68 22.33 2.77
C ILE A 33 -1.54 23.30 3.06
N SER A 34 -0.44 22.76 3.58
CA SER A 34 0.76 23.53 3.86
C SER A 34 1.36 24.11 2.58
N ALA A 35 1.36 23.32 1.51
CA ALA A 35 1.86 23.78 0.22
C ALA A 35 0.90 24.75 -0.47
N ARG A 36 -0.40 24.51 -0.33
CA ARG A 36 -1.43 25.40 -0.89
C ARG A 36 -1.30 26.84 -0.38
N ARG A 37 -0.99 26.97 0.90
CA ARG A 37 -0.80 28.26 1.52
C ARG A 37 0.52 28.85 1.06
N ALA A 38 1.59 28.06 1.15
CA ALA A 38 2.93 28.52 0.76
C ALA A 38 3.04 29.08 -0.68
N PHE A 39 2.20 28.65 -1.60
CA PHE A 39 2.34 29.05 -3.01
C PHE A 39 1.10 29.74 -3.59
N HIS A 40 0.23 30.24 -2.72
CA HIS A 40 -0.95 31.01 -3.13
C HIS A 40 -1.93 30.20 -3.98
N VAL A 41 -1.96 28.88 -3.80
CA VAL A 41 -2.85 28.02 -4.59
C VAL A 41 -4.13 27.64 -3.84
N SER A 42 -5.23 28.28 -4.19
CA SER A 42 -6.50 28.09 -3.47
C SER A 42 -7.51 27.26 -4.26
N PRO A 43 -8.30 26.42 -3.56
CA PRO A 43 -9.29 25.50 -4.17
C PRO A 43 -10.37 26.18 -5.07
N PRO A 44 -10.71 25.57 -6.22
CA PRO A 44 -10.13 24.33 -6.81
C PRO A 44 -8.70 24.57 -7.30
N LEU A 45 -8.43 24.36 -8.58
CA LEU A 45 -7.06 24.53 -9.07
C LEU A 45 -6.10 23.54 -8.41
N THR A 46 -5.46 22.72 -9.22
CA THR A 46 -4.48 21.79 -8.71
C THR A 46 -3.13 22.07 -9.38
N SER A 47 -3.07 23.23 -10.02
CA SER A 47 -1.92 23.66 -10.77
C SER A 47 -1.24 24.84 -10.08
N GLY A 48 0.04 25.03 -10.35
CA GLY A 48 0.81 26.06 -9.70
C GLY A 48 2.27 25.84 -10.01
N PRO A 49 3.16 26.42 -9.19
CA PRO A 49 4.59 26.16 -9.31
C PRO A 49 4.85 24.67 -9.17
N PRO A 50 5.91 24.16 -9.82
CA PRO A 50 6.17 22.72 -9.81
C PRO A 50 6.44 22.17 -8.42
N GLU A 51 6.81 23.01 -7.46
CA GLU A 51 6.99 22.58 -6.07
C GLU A 51 5.65 22.13 -5.58
N PHE A 52 4.66 23.00 -5.75
CA PHE A 52 3.31 22.66 -5.34
C PHE A 52 2.77 21.45 -6.09
N GLU A 53 2.93 21.45 -7.41
CA GLU A 53 2.42 20.35 -8.22
C GLU A 53 3.06 19.03 -7.83
N ARG A 54 4.37 19.04 -7.62
CA ARG A 54 5.07 17.86 -7.13
C ARG A 54 4.47 17.34 -5.81
N VAL A 55 4.01 18.24 -4.96
CA VAL A 55 3.53 17.84 -3.65
C VAL A 55 2.09 17.36 -3.69
N PHE A 56 1.25 18.06 -4.46
CA PHE A 56 -0.11 17.61 -4.73
C PHE A 56 -0.06 16.21 -5.32
N ARG A 57 0.86 16.02 -6.24
CA ARG A 57 0.96 14.81 -7.03
C ARG A 57 1.37 13.63 -6.17
N ALA A 58 2.36 13.86 -5.31
CA ALA A 58 2.80 12.86 -4.33
C ALA A 58 1.63 12.34 -3.50
N GLN A 59 0.82 13.27 -2.99
CA GLN A 59 -0.29 12.93 -2.10
C GLN A 59 -1.33 12.07 -2.82
N VAL A 60 -1.64 12.49 -4.05
CA VAL A 60 -2.61 11.82 -4.91
C VAL A 60 -2.20 10.40 -5.22
N ASN A 61 -0.94 10.25 -5.61
CA ASN A 61 -0.38 8.97 -5.90
C ASN A 61 -0.53 8.00 -4.73
N CYS A 62 -0.10 8.45 -3.56
CA CYS A 62 -0.21 7.60 -2.39
C CYS A 62 -1.67 7.28 -2.09
N SER A 63 -2.53 8.25 -2.34
CA SER A 63 -3.95 8.08 -2.18
C SER A 63 -4.53 6.97 -3.05
N GLU A 64 -4.03 6.78 -4.26
CA GLU A 64 -4.67 5.74 -5.03
C GLU A 64 -4.01 4.40 -4.75
N TYR A 65 -2.77 4.40 -4.30
CA TYR A 65 -2.18 3.13 -3.93
C TYR A 65 -2.65 2.60 -2.58
N PHE A 66 -3.32 3.47 -1.85
CA PHE A 66 -3.61 3.18 -0.47
C PHE A 66 -4.62 2.02 -0.28
N PRO A 67 -5.72 2.00 -1.06
CA PRO A 67 -6.60 0.83 -1.00
C PRO A 67 -5.98 -0.45 -1.57
N LEU A 68 -5.05 -0.34 -2.51
CA LEU A 68 -4.41 -1.55 -2.98
C LEU A 68 -3.66 -2.13 -1.79
N PHE A 69 -2.92 -1.25 -1.13
CA PHE A 69 -2.14 -1.63 0.02
C PHE A 69 -2.97 -2.32 1.12
N LEU A 70 -4.06 -1.68 1.53
CA LEU A 70 -4.95 -2.24 2.53
C LEU A 70 -5.53 -3.58 2.14
N ALA A 71 -5.96 -3.69 0.90
CA ALA A 71 -6.56 -4.91 0.40
C ALA A 71 -5.58 -6.08 0.54
N THR A 72 -4.38 -5.89 -0.02
CA THR A 72 -3.46 -7.01 -0.07
C THR A 72 -2.94 -7.31 1.32
N LEU A 73 -2.82 -6.28 2.14
CA LEU A 73 -2.30 -6.42 3.48
C LEU A 73 -3.21 -7.35 4.26
N TRP A 74 -4.50 -7.07 4.18
CA TRP A 74 -5.51 -7.90 4.83
C TRP A 74 -5.55 -9.34 4.31
N VAL A 75 -5.58 -9.52 2.98
CA VAL A 75 -5.61 -10.85 2.39
C VAL A 75 -4.32 -11.64 2.68
N ALA A 76 -3.17 -11.00 2.53
CA ALA A 76 -1.91 -11.66 2.84
C ALA A 76 -1.85 -11.98 4.32
N GLY A 77 -2.30 -11.03 5.14
CA GLY A 77 -2.25 -11.19 6.58
C GLY A 77 -3.11 -12.31 7.10
N ILE A 78 -4.18 -12.62 6.38
CA ILE A 78 -5.16 -13.62 6.78
C ILE A 78 -5.00 -15.00 6.12
N PHE A 79 -4.46 -15.05 4.92
CA PHE A 79 -4.37 -16.31 4.18
C PHE A 79 -2.93 -16.82 4.11
N PHE A 80 -2.00 -15.98 4.50
CA PHE A 80 -0.61 -16.40 4.48
C PHE A 80 0.00 -16.38 5.87
N HIS A 81 0.12 -15.19 6.46
CA HIS A 81 0.76 -15.00 7.76
C HIS A 81 0.67 -13.55 8.23
N GLU A 82 0.06 -13.33 9.38
CA GLU A 82 -0.16 -11.96 9.84
C GLU A 82 1.11 -11.13 10.05
N GLY A 83 2.11 -11.69 10.72
CA GLY A 83 3.31 -10.94 11.06
C GLY A 83 4.10 -10.47 9.85
N ALA A 84 4.31 -11.39 8.90
CA ALA A 84 5.03 -11.09 7.66
C ALA A 84 4.33 -9.99 6.88
N ALA A 85 3.00 -10.11 6.80
CA ALA A 85 2.18 -9.13 6.10
C ALA A 85 2.36 -7.75 6.72
N ALA A 86 2.19 -7.67 8.03
CA ALA A 86 2.42 -6.42 8.77
C ALA A 86 3.82 -5.86 8.55
N LEU A 87 4.78 -6.76 8.42
CA LEU A 87 6.15 -6.38 8.15
C LEU A 87 6.21 -5.65 6.82
N CYS A 88 5.80 -6.33 5.75
CA CYS A 88 5.72 -5.68 4.44
C CYS A 88 4.93 -4.39 4.54
N GLY A 89 3.86 -4.41 5.33
CA GLY A 89 3.10 -3.22 5.65
C GLY A 89 3.99 -2.03 6.00
N LEU A 90 4.89 -2.24 6.97
CA LEU A 90 5.76 -1.18 7.42
C LEU A 90 6.70 -0.67 6.35
N PHE A 91 7.44 -1.55 5.67
CA PHE A 91 8.39 -0.99 4.70
C PHE A 91 7.63 -0.22 3.65
N TYR A 92 6.45 -0.72 3.29
CA TYR A 92 5.66 -0.09 2.28
C TYR A 92 5.39 1.34 2.73
N LEU A 93 4.78 1.44 3.90
CA LEU A 93 4.46 2.75 4.47
C LEU A 93 5.70 3.62 4.65
N PHE A 94 6.76 3.02 5.16
CA PHE A 94 8.01 3.74 5.33
C PHE A 94 8.52 4.21 3.95
N ALA A 95 8.35 3.34 2.95
CA ALA A 95 8.78 3.69 1.61
C ALA A 95 7.91 4.82 1.05
N ARG A 96 6.60 4.73 1.22
CA ARG A 96 5.72 5.81 0.78
C ARG A 96 5.99 7.15 1.49
N LEU A 97 6.48 7.09 2.72
CA LEU A 97 6.92 8.31 3.42
C LEU A 97 8.16 8.90 2.75
N ARG A 98 9.10 8.05 2.38
CA ARG A 98 10.28 8.51 1.65
C ARG A 98 9.88 9.00 0.25
N TYR A 99 8.93 8.30 -0.37
CA TYR A 99 8.39 8.70 -1.66
C TYR A 99 7.89 10.13 -1.64
N PHE A 100 7.08 10.44 -0.65
CA PHE A 100 6.42 11.74 -0.55
C PHE A 100 7.43 12.86 -0.30
N GLN A 101 8.41 12.57 0.54
CA GLN A 101 9.39 13.57 0.91
C GLN A 101 10.38 13.81 -0.22
N GLY A 102 10.62 12.76 -1.01
CA GLY A 102 11.48 12.87 -2.17
C GLY A 102 10.82 13.68 -3.25
N TYR A 103 9.58 13.32 -3.57
CA TYR A 103 8.80 13.97 -4.60
C TYR A 103 8.71 15.46 -4.33
N ALA A 104 8.45 15.79 -3.08
CA ALA A 104 8.39 17.15 -2.59
C ALA A 104 9.65 17.96 -2.94
N ARG A 105 10.82 17.33 -2.88
CA ARG A 105 12.09 18.01 -3.14
C ARG A 105 12.42 18.00 -4.63
N SER A 106 12.24 16.84 -5.24
CA SER A 106 12.62 16.60 -6.62
C SER A 106 11.72 15.51 -7.21
N ALA A 107 11.48 15.57 -8.52
CA ALA A 107 10.81 14.47 -9.18
C ALA A 107 11.68 13.22 -9.21
N GLN A 108 12.97 13.40 -9.45
CA GLN A 108 13.90 12.28 -9.53
C GLN A 108 14.11 11.59 -8.16
N LEU A 109 14.04 12.38 -7.09
CA LEU A 109 14.34 11.88 -5.75
C LEU A 109 13.23 11.00 -5.20
N ARG A 110 12.14 10.92 -5.95
CA ARG A 110 11.00 10.11 -5.60
C ARG A 110 11.14 8.67 -6.09
N LEU A 111 11.99 8.44 -7.09
CA LEU A 111 12.09 7.14 -7.72
C LEU A 111 12.58 6.00 -6.81
N THR A 112 13.59 6.24 -5.98
CA THR A 112 14.14 5.18 -5.15
C THR A 112 13.14 4.59 -4.14
N PRO A 113 12.42 5.45 -3.38
CA PRO A 113 11.41 4.89 -2.48
C PRO A 113 10.12 4.45 -3.17
N LEU A 114 9.90 4.92 -4.41
CA LEU A 114 8.80 4.38 -5.21
C LEU A 114 9.10 2.93 -5.51
N TYR A 115 10.32 2.67 -5.96
CA TYR A 115 10.80 1.32 -6.24
C TYR A 115 10.71 0.46 -4.98
N ALA A 116 11.25 0.98 -3.87
CA ALA A 116 11.15 0.31 -2.59
C ALA A 116 9.70 -0.03 -2.23
N SER A 117 8.80 0.93 -2.41
CA SER A 117 7.39 0.75 -2.10
C SER A 117 6.73 -0.26 -3.00
N ALA A 118 7.21 -0.38 -4.23
CA ALA A 118 6.57 -1.30 -5.17
C ALA A 118 6.94 -2.73 -4.79
N ARG A 119 8.24 -2.98 -4.60
CA ARG A 119 8.71 -4.27 -4.12
C ARG A 119 7.88 -4.78 -2.93
N ALA A 120 7.82 -3.98 -1.88
CA ALA A 120 7.01 -4.29 -0.72
C ALA A 120 5.57 -4.65 -1.07
N LEU A 121 4.99 -3.91 -2.01
CA LEU A 121 3.59 -4.07 -2.37
C LEU A 121 3.43 -5.34 -3.19
N TRP A 122 4.43 -5.61 -4.04
CA TRP A 122 4.46 -6.84 -4.82
C TRP A 122 4.58 -8.07 -3.92
N LEU A 123 5.40 -7.93 -2.89
CA LEU A 123 5.59 -8.98 -1.92
C LEU A 123 4.26 -9.33 -1.24
N LEU A 124 3.50 -8.30 -0.86
CA LEU A 124 2.22 -8.52 -0.22
C LEU A 124 1.34 -9.32 -1.16
N VAL A 125 1.31 -8.89 -2.41
CA VAL A 125 0.53 -9.56 -3.43
C VAL A 125 0.92 -11.04 -3.58
N ALA A 126 2.21 -11.30 -3.60
CA ALA A 126 2.72 -12.67 -3.68
C ALA A 126 2.23 -13.52 -2.50
N MET A 127 2.36 -12.96 -1.30
CA MET A 127 1.90 -13.65 -0.09
C MET A 127 0.41 -13.95 -0.19
N ALA A 128 -0.36 -12.94 -0.56
CA ALA A 128 -1.80 -13.12 -0.71
C ALA A 128 -2.06 -14.22 -1.73
N ALA A 129 -1.36 -14.15 -2.85
CA ALA A 129 -1.46 -15.14 -3.91
C ALA A 129 -1.16 -16.55 -3.38
N LEU A 130 -0.02 -16.72 -2.72
CA LEU A 130 0.34 -18.00 -2.18
C LEU A 130 -0.69 -18.49 -1.19
N GLY A 131 -1.11 -17.62 -0.29
CA GLY A 131 -2.13 -17.96 0.69
C GLY A 131 -3.42 -18.45 0.07
N LEU A 132 -3.89 -17.76 -0.96
CA LEU A 132 -5.14 -18.15 -1.59
C LEU A 132 -4.97 -19.49 -2.30
N LEU A 133 -3.82 -19.68 -2.94
CA LEU A 133 -3.48 -20.95 -3.56
C LEU A 133 -3.57 -22.15 -2.59
N VAL A 134 -2.98 -22.02 -1.41
CA VAL A 134 -3.01 -23.10 -0.45
C VAL A 134 -4.42 -23.42 -0.03
N HIS A 135 -5.30 -22.45 -0.13
CA HIS A 135 -6.61 -22.65 0.40
C HIS A 135 -7.40 -23.43 -0.62
N PHE A 136 -7.37 -22.94 -1.84
CA PHE A 136 -8.19 -23.45 -2.92
C PHE A 136 -7.61 -24.67 -3.62
N LEU A 137 -6.29 -24.75 -3.67
CA LEU A 137 -5.65 -25.74 -4.52
C LEU A 137 -5.73 -27.21 -4.06
N PRO A 138 -5.65 -27.48 -2.75
CA PRO A 138 -5.84 -28.89 -2.41
C PRO A 138 -7.26 -29.39 -2.73
N GLY A 139 -8.28 -28.65 -2.31
CA GLY A 139 -9.67 -29.02 -2.52
C GLY A 139 -9.98 -29.31 -3.98
N THR A 140 -9.20 -28.69 -4.86
CA THR A 140 -9.43 -28.76 -6.30
C THR A 140 -8.76 -29.96 -6.94
N LEU A 141 -7.49 -30.15 -6.60
CA LEU A 141 -6.78 -31.30 -7.10
C LEU A 141 -7.47 -32.58 -6.63
N ARG A 142 -7.95 -32.57 -5.38
CA ARG A 142 -8.66 -33.71 -4.84
C ARG A 142 -9.85 -34.06 -5.73
N THR A 143 -10.65 -33.05 -6.08
CA THR A 143 -11.85 -33.26 -6.87
C THR A 143 -11.56 -33.55 -8.36
N ALA A 144 -10.45 -33.03 -8.87
CA ALA A 144 -9.98 -33.40 -10.18
C ALA A 144 -9.69 -34.90 -10.19
N LEU A 145 -9.10 -35.38 -9.10
CA LEU A 145 -8.73 -36.78 -9.01
C LEU A 145 -9.95 -37.68 -8.83
N PHE A 146 -10.92 -37.25 -8.03
CA PHE A 146 -12.13 -38.04 -7.81
C PHE A 146 -12.93 -38.28 -9.09
N ARG A 147 -12.98 -37.28 -9.96
CA ARG A 147 -13.73 -37.39 -11.20
C ARG A 147 -13.08 -38.40 -12.14
N TRP A 148 -11.76 -38.54 -12.02
CA TRP A 148 -11.03 -39.44 -12.88
C TRP A 148 -10.72 -40.78 -12.21
N LEU A 149 -11.65 -41.24 -11.38
CA LEU A 149 -11.31 -42.32 -10.47
C LEU A 149 -11.73 -43.79 -10.68
N GLN A 150 -12.98 -44.15 -11.05
CA GLN A 150 -13.97 -43.43 -11.85
C GLN A 150 -13.53 -43.12 -13.29
N MET A 151 -13.23 -44.13 -14.12
CA MET A 151 -13.26 -45.60 -13.86
C MET A 151 -14.48 -46.24 -13.19
N1 GTX B . -1.66 7.90 -11.53
CA1 GTX B . -0.33 7.45 -11.87
C1 GTX B . 0.45 8.45 -12.70
O11 GTX B . -0.09 9.52 -13.09
O12 GTX B . 1.65 8.22 -13.01
CB1 GTX B . -0.46 6.16 -12.60
CG1 GTX B . -0.02 4.90 -11.98
CD1 GTX B . 1.33 4.79 -11.37
OE1 GTX B . 2.18 5.63 -11.63
N2 GTX B . 1.60 3.70 -10.49
CA2 GTX B . 2.85 3.44 -9.81
C2 GTX B . 3.35 4.68 -9.15
O2 GTX B . 3.39 4.77 -7.93
CB2 GTX B . 3.88 2.88 -10.73
SG2 GTX B . 3.90 1.15 -11.11
C1S GTX B . 4.97 0.32 -9.97
C2S GTX B . 4.28 -0.55 -8.98
C3S GTX B . 2.99 -1.17 -9.42
C4S GTX B . 2.03 -1.61 -8.40
C5S GTX B . 2.38 -2.80 -7.56
C6S GTX B . 1.24 -3.65 -7.05
N3 GTX B . 3.77 5.76 -9.98
CA3 GTX B . 4.26 7.00 -9.46
C3 GTX B . 4.69 7.91 -10.54
O31 GTX B . 5.54 7.49 -11.36
O32 GTX B . 4.16 9.06 -10.66
C1 PLM C . -1.04 -31.39 -3.17
C2 PLM C . -2.60 -31.30 -3.25
C3 PLM C . -3.31 -32.47 -3.93
C4 PLM C . -3.94 -33.53 -2.98
C5 PLM C . -5.35 -33.17 -2.45
C6 PLM C . -5.81 -33.95 -1.18
C7 PLM C . -6.97 -33.30 -0.36
C8 PLM C . -6.52 -32.70 0.97
C9 PLM C . -7.64 -32.45 1.99
CA PLM C . -7.51 -31.11 2.75
C1 PLM D . -4.83 -17.30 -7.09
C2 PLM D . -6.25 -17.65 -6.48
C3 PLM D . -7.13 -18.67 -7.23
C4 PLM D . -8.52 -18.89 -6.56
C5 PLM D . -9.56 -19.73 -7.38
C6 PLM D . -11.04 -19.29 -7.13
C7 PLM D . -12.17 -20.28 -7.58
C8 PLM D . -12.78 -21.15 -6.43
C9 PLM D . -13.96 -22.07 -6.84
CA PLM D . -14.41 -23.07 -5.75
C1 PLM E . 9.45 13.92 8.95
C2 PLM E . 8.10 13.72 9.76
C3 PLM E . 7.25 12.48 9.39
C4 PLM E . 5.85 12.43 10.06
C5 PLM E . 5.12 11.05 9.99
C6 PLM E . 3.67 11.09 10.54
C7 PLM E . 2.90 9.77 10.38
C8 PLM E . 3.16 8.75 11.51
C1 PLM F . -8.71 -15.17 -9.24
C2 PLM F . -10.25 -14.85 -9.26
C3 PLM F . -11.20 -16.04 -8.94
C4 PLM F . -12.69 -15.64 -8.75
C5 PLM F . -13.59 -16.71 -8.09
C6 PLM F . -15.11 -16.39 -8.14
C7 PLM F . -16.02 -17.63 -8.08
C8 PLM F . -17.54 -17.33 -8.06
C9 PLM F . -18.43 -18.52 -7.56
CA PLM F . -19.94 -18.33 -7.79
S SO4 G . 13.21 16.98 -11.54
O1 SO4 G . 11.81 17.22 -11.91
O2 SO4 G . 14.01 17.99 -12.21
O3 SO4 G . 13.38 17.09 -10.10
O4 SO4 G . 13.59 15.64 -11.98
NI NI H . -15.25 -16.43 14.70
#